data_6KV9
#
_entry.id   6KV9
#
_cell.length_a   59.159
_cell.length_b   59.159
_cell.length_c   200.387
_cell.angle_alpha   90.000
_cell.angle_beta   90.000
_cell.angle_gamma   90.000
#
_symmetry.space_group_name_H-M   'P 41 21 2'
#
loop_
_entity.id
_entity.type
_entity.pdbx_description
1 polymer MoeE5
2 non-polymer NICOTINAMIDE-ADENINE-DINUCLEOTIDE
3 non-polymer "URIDINE-5'-DIPHOSPHATE-GLUCURONIC ACID"
4 water water
#
_entity_poly.entity_id   1
_entity_poly.type   'polypeptide(L)'
_entity_poly.pdbx_seq_one_letter_code
;GAGAGAMSSDTHGTDLADGDVLVTGAAGFIGSHLVTELRNSGRNVVAVDRRPLPDDLESTSPPFTGSLREIRGDLNSLNL
VDCLKNISTVFHLAALPGVRPSWTQFPEYLRCNVLATQRLMEACVQAGVERVVVASSSSVYGGADGVMSEDDLPRPLSPY
GVTKLAAERLALAFAARGDAELSVGALRFFTVYGPGQRPDMFISRLIRATLRGEPVEIYGDGTQLRDFTHVSDVVRALML
TASVRDRGSAVLNIGTGSAVSVNEVVSMTAELTGLRPCTAYGSARIGDVRSTTADVRQAQSVLGFTARTGLREGLATQIE
WTRRSLSGAEQDTVPVGGSSVSVPRL
;
_entity_poly.pdbx_strand_id   A
#
loop_
_chem_comp.id
_chem_comp.type
_chem_comp.name
_chem_comp.formula
NAD non-polymer NICOTINAMIDE-ADENINE-DINUCLEOTIDE 'C21 H27 N7 O14 P2'
UGA non-polymer 'URIDINE-5'-DIPHOSPHATE-GLUCURONIC ACID' 'C15 H22 N2 O18 P2'
#
# COMPACT_ATOMS: atom_id res chain seq x y z
N GLY A 19 -4.40 -19.86 -13.00
CA GLY A 19 -3.60 -19.03 -13.88
C GLY A 19 -2.42 -18.38 -13.16
N ASP A 20 -1.63 -17.66 -13.93
CA ASP A 20 -0.50 -16.94 -13.34
C ASP A 20 -0.97 -15.58 -12.81
N VAL A 21 -0.13 -14.98 -11.98
CA VAL A 21 -0.45 -13.73 -11.29
C VAL A 21 0.55 -12.67 -11.74
N LEU A 22 0.06 -11.46 -11.98
CA LEU A 22 0.91 -10.34 -12.33
C LEU A 22 0.84 -9.32 -11.21
N VAL A 23 2.01 -8.84 -10.77
CA VAL A 23 2.10 -7.80 -9.73
C VAL A 23 2.71 -6.57 -10.36
N THR A 24 1.99 -5.44 -10.41
CA THR A 24 2.63 -4.19 -10.77
C THR A 24 3.24 -3.52 -9.53
N GLY A 25 4.30 -2.73 -9.71
CA GLY A 25 4.97 -2.14 -8.54
C GLY A 25 5.74 -3.18 -7.78
N ALA A 26 6.11 -4.28 -8.42
CA ALA A 26 6.68 -5.43 -7.72
C ALA A 26 8.05 -5.18 -7.11
N ALA A 27 8.77 -4.15 -7.53
CA ALA A 27 10.08 -3.84 -6.93
C ALA A 27 9.96 -3.07 -5.62
N GLY A 28 8.75 -2.57 -5.31
CA GLY A 28 8.57 -1.66 -4.21
C GLY A 28 8.40 -2.39 -2.89
N PHE A 29 8.06 -1.60 -1.87
CA PHE A 29 7.99 -2.10 -0.52
C PHE A 29 6.96 -3.21 -0.35
N ILE A 30 5.68 -2.90 -0.57
CA ILE A 30 4.64 -3.93 -0.42
C ILE A 30 4.74 -4.99 -1.51
N GLY A 31 5.03 -4.56 -2.75
CA GLY A 31 5.08 -5.48 -3.89
C GLY A 31 6.14 -6.55 -3.74
N SER A 32 7.30 -6.18 -3.21
CA SER A 32 8.36 -7.20 -3.11
C SER A 32 7.98 -8.28 -2.11
N HIS A 33 7.35 -7.89 -0.99
CA HIS A 33 6.88 -8.87 -0.03
C HIS A 33 5.80 -9.74 -0.64
N LEU A 34 4.90 -9.12 -1.43
CA LEU A 34 3.85 -9.91 -2.06
C LEU A 34 4.41 -10.94 -3.03
N VAL A 35 5.37 -10.54 -3.86
CA VAL A 35 5.96 -11.49 -4.81
C VAL A 35 6.53 -12.67 -4.07
N THR A 36 7.30 -12.39 -3.00
CA THR A 36 7.86 -13.49 -2.19
C THR A 36 6.79 -14.45 -1.69
N GLU A 37 5.71 -13.94 -1.14
CA GLU A 37 4.68 -14.83 -0.62
C GLU A 37 3.95 -15.58 -1.72
N LEU A 38 3.67 -14.91 -2.84
CA LEU A 38 3.01 -15.60 -3.95
C LEU A 38 3.87 -16.76 -4.44
N ARG A 39 5.14 -16.52 -4.66
CA ARG A 39 6.04 -17.60 -5.09
C ARG A 39 6.14 -18.70 -4.04
N ASN A 40 6.28 -18.35 -2.76
CA ASN A 40 6.32 -19.36 -1.71
C ASN A 40 5.07 -20.21 -1.69
N SER A 41 3.93 -19.66 -2.09
CA SER A 41 2.69 -20.41 -2.06
C SER A 41 2.49 -21.26 -3.31
N GLY A 42 3.44 -21.21 -4.23
CA GLY A 42 3.38 -22.00 -5.44
C GLY A 42 2.93 -21.29 -6.69
N ARG A 43 2.71 -19.97 -6.66
CA ARG A 43 2.15 -19.28 -7.81
C ARG A 43 3.24 -18.80 -8.73
N ASN A 44 2.99 -18.93 -10.04
CA ASN A 44 3.86 -18.32 -11.03
C ASN A 44 3.54 -16.83 -11.09
N VAL A 45 4.56 -16.02 -10.99
CA VAL A 45 4.42 -14.57 -10.83
C VAL A 45 5.08 -13.89 -12.01
N VAL A 46 4.38 -12.92 -12.58
CA VAL A 46 4.97 -11.96 -13.49
C VAL A 46 5.04 -10.62 -12.77
N ALA A 47 6.24 -10.07 -12.68
CA ALA A 47 6.50 -8.87 -11.90
C ALA A 47 6.73 -7.73 -12.88
N VAL A 48 6.04 -6.60 -12.70
CA VAL A 48 6.22 -5.45 -13.57
C VAL A 48 6.62 -4.27 -12.69
N ASP A 49 7.70 -3.58 -13.04
CA ASP A 49 8.12 -2.38 -12.37
C ASP A 49 9.13 -1.69 -13.26
N ARG A 50 9.21 -0.39 -13.15
CA ARG A 50 10.22 0.37 -13.89
C ARG A 50 11.55 0.43 -13.16
N ARG A 51 11.62 -0.03 -11.91
CA ARG A 51 12.85 -0.19 -11.17
C ARG A 51 13.20 -1.66 -11.04
N PRO A 52 14.49 -2.00 -10.85
CA PRO A 52 14.85 -3.41 -10.74
C PRO A 52 14.32 -4.09 -9.49
N LEU A 53 13.98 -5.37 -9.62
CA LEU A 53 13.59 -6.16 -8.45
C LEU A 53 14.77 -6.28 -7.51
N PRO A 54 14.54 -6.28 -6.21
CA PRO A 54 15.64 -6.61 -5.28
C PRO A 54 16.22 -7.99 -5.57
N ASP A 55 17.49 -8.17 -5.24
CA ASP A 55 18.18 -9.44 -5.45
C ASP A 55 17.72 -10.54 -4.49
N THR A 65 9.10 -21.82 -5.08
CA THR A 65 8.33 -22.87 -5.74
C THR A 65 7.61 -22.35 -7.00
N GLY A 66 6.97 -21.20 -6.89
CA GLY A 66 6.44 -20.53 -8.07
C GLY A 66 7.54 -19.81 -8.83
N SER A 67 7.43 -19.82 -10.16
CA SER A 67 8.41 -19.16 -11.00
C SER A 67 8.22 -17.65 -10.95
N LEU A 68 9.21 -16.93 -11.49
CA LEU A 68 9.21 -15.48 -11.47
C LEU A 68 9.74 -14.97 -12.79
N ARG A 69 8.96 -14.13 -13.47
CA ARG A 69 9.40 -13.46 -14.69
C ARG A 69 9.38 -11.96 -14.39
N GLU A 70 10.53 -11.32 -14.57
CA GLU A 70 10.64 -9.90 -14.32
C GLU A 70 10.46 -9.16 -15.64
N ILE A 71 9.41 -8.35 -15.72
CA ILE A 71 9.18 -7.50 -16.86
C ILE A 71 9.54 -6.10 -16.43
N ARG A 72 10.59 -5.57 -16.99
CA ARG A 72 11.05 -4.25 -16.64
C ARG A 72 10.43 -3.20 -17.58
N GLY A 73 9.78 -2.20 -17.02
CA GLY A 73 9.28 -1.10 -17.82
C GLY A 73 8.18 -0.32 -17.13
N ASP A 74 7.79 0.77 -17.80
CA ASP A 74 6.77 1.68 -17.30
C ASP A 74 5.40 1.22 -17.77
N LEU A 75 4.41 1.17 -16.88
CA LEU A 75 3.06 0.82 -17.27
C LEU A 75 2.53 1.69 -18.41
N ASN A 76 3.03 2.92 -18.53
CA ASN A 76 2.56 3.82 -19.58
C ASN A 76 3.25 3.60 -20.91
N SER A 77 4.23 2.71 -20.95
CA SER A 77 5.00 2.41 -22.18
C SER A 77 4.91 0.97 -22.62
N LEU A 78 4.76 0.03 -21.69
CA LEU A 78 4.74 -1.38 -22.01
C LEU A 78 3.49 -1.76 -22.81
N ASN A 79 3.62 -2.86 -23.59
CA ASN A 79 2.44 -3.51 -24.16
C ASN A 79 1.76 -4.31 -23.06
N LEU A 80 0.77 -3.68 -22.41
CA LEU A 80 0.18 -4.31 -21.23
C LEU A 80 -0.56 -5.59 -21.57
N VAL A 81 -1.27 -5.64 -22.73
CA VAL A 81 -1.95 -6.86 -23.09
C VAL A 81 -0.97 -8.00 -23.23
N ASP A 82 0.20 -7.73 -23.81
CA ASP A 82 1.21 -8.78 -23.94
C ASP A 82 1.67 -9.23 -22.57
N CYS A 83 1.86 -8.28 -21.63
CA CYS A 83 2.29 -8.63 -20.29
C CYS A 83 1.28 -9.50 -19.59
N LEU A 84 0.00 -9.38 -19.96
CA LEU A 84 -1.08 -10.09 -19.28
C LEU A 84 -1.43 -11.44 -19.91
N LYS A 85 -0.62 -11.95 -20.84
CA LYS A 85 -0.97 -13.24 -21.40
C LYS A 85 -0.91 -14.32 -20.33
N ASN A 86 -1.96 -15.14 -20.25
CA ASN A 86 -2.08 -16.22 -19.30
C ASN A 86 -2.23 -15.74 -17.87
N ILE A 87 -2.53 -14.44 -17.65
CA ILE A 87 -2.66 -13.89 -16.31
C ILE A 87 -4.13 -13.94 -15.90
N SER A 88 -4.42 -14.58 -14.76
CA SER A 88 -5.78 -14.60 -14.25
C SER A 88 -6.05 -13.52 -13.20
N THR A 89 -5.02 -13.12 -12.47
CA THR A 89 -5.17 -12.21 -11.33
C THR A 89 -4.08 -11.17 -11.41
N VAL A 90 -4.44 -9.89 -11.25
CA VAL A 90 -3.50 -8.80 -11.25
C VAL A 90 -3.55 -8.13 -9.87
N PHE A 91 -2.38 -7.89 -9.29
CA PHE A 91 -2.25 -7.05 -8.10
C PHE A 91 -1.63 -5.74 -8.55
N HIS A 92 -2.40 -4.65 -8.49
CA HIS A 92 -1.93 -3.37 -9.00
C HIS A 92 -1.44 -2.51 -7.84
N LEU A 93 -0.12 -2.54 -7.63
CA LEU A 93 0.50 -1.81 -6.53
C LEU A 93 1.34 -0.64 -7.02
N ALA A 94 1.63 -0.54 -8.34
CA ALA A 94 2.46 0.56 -8.79
C ALA A 94 1.77 1.90 -8.58
N ALA A 95 2.54 2.89 -8.14
CA ALA A 95 2.04 4.24 -7.90
C ALA A 95 3.22 5.09 -7.45
N LEU A 96 3.02 6.40 -7.47
CA LEU A 96 3.82 7.33 -6.68
C LEU A 96 3.12 7.49 -5.35
N PRO A 97 3.70 7.07 -4.22
CA PRO A 97 2.89 6.89 -3.01
C PRO A 97 2.99 7.97 -1.94
N GLY A 98 3.81 8.99 -2.14
CA GLY A 98 4.01 9.96 -1.03
C GLY A 98 2.89 10.99 -0.96
N VAL A 99 2.35 11.21 0.24
CA VAL A 99 1.30 12.21 0.37
C VAL A 99 1.79 13.62 0.03
N ARG A 100 2.94 14.02 0.60
CA ARG A 100 3.30 15.43 0.62
C ARG A 100 3.83 16.01 -0.70
N PRO A 101 4.61 15.25 -1.49
CA PRO A 101 5.08 15.78 -2.79
C PRO A 101 3.98 15.93 -3.82
N SER A 102 2.81 15.35 -3.57
CA SER A 102 1.78 15.39 -4.59
C SER A 102 1.27 16.79 -4.90
N TRP A 103 1.43 17.78 -4.02
CA TRP A 103 1.02 19.13 -4.39
C TRP A 103 1.89 19.71 -5.50
N THR A 104 3.18 19.36 -5.52
CA THR A 104 4.11 20.02 -6.42
C THR A 104 4.62 19.13 -7.54
N GLN A 105 4.13 17.90 -7.64
CA GLN A 105 4.49 16.93 -8.64
C GLN A 105 3.22 16.36 -9.28
N PHE A 106 2.19 17.18 -9.36
CA PHE A 106 0.90 16.62 -9.73
C PHE A 106 0.84 15.98 -11.12
N PRO A 107 1.44 16.52 -12.17
CA PRO A 107 1.40 15.81 -13.45
C PRO A 107 1.90 14.38 -13.33
N GLU A 108 3.01 14.14 -12.60
CA GLU A 108 3.53 12.80 -12.51
C GLU A 108 2.64 11.90 -11.66
N TYR A 109 2.06 12.49 -10.59
CA TYR A 109 1.11 11.67 -9.81
C TYR A 109 -0.10 11.25 -10.67
N LEU A 110 -0.61 12.17 -11.49
CA LEU A 110 -1.69 11.79 -12.40
C LEU A 110 -1.24 10.71 -13.37
N ARG A 111 -0.05 10.86 -13.93
CA ARG A 111 0.41 9.92 -14.92
C ARG A 111 0.60 8.53 -14.31
N CYS A 112 1.24 8.46 -13.12
CA CYS A 112 1.53 7.17 -12.54
C CYS A 112 0.35 6.55 -11.81
N ASN A 113 -0.53 7.39 -11.23
CA ASN A 113 -1.54 6.83 -10.34
C ASN A 113 -2.89 6.71 -11.03
N VAL A 114 -3.17 7.54 -12.03
CA VAL A 114 -4.47 7.54 -12.68
C VAL A 114 -4.39 7.07 -14.12
N LEU A 115 -3.53 7.70 -14.95
CA LEU A 115 -3.45 7.25 -16.35
C LEU A 115 -2.98 5.80 -16.44
N ALA A 116 -1.93 5.45 -15.69
CA ALA A 116 -1.46 4.07 -15.77
C ALA A 116 -2.53 3.10 -15.31
N THR A 117 -3.34 3.50 -14.31
CA THR A 117 -4.41 2.61 -13.88
C THR A 117 -5.41 2.41 -15.00
N GLN A 118 -5.79 3.48 -15.69
CA GLN A 118 -6.77 3.34 -16.79
C GLN A 118 -6.23 2.41 -17.86
N ARG A 119 -4.95 2.60 -18.22
CA ARG A 119 -4.35 1.74 -19.27
C ARG A 119 -4.30 0.29 -18.85
N LEU A 120 -3.95 0.04 -17.58
CA LEU A 120 -3.92 -1.31 -17.07
C LEU A 120 -5.32 -1.93 -17.08
N MET A 121 -6.33 -1.19 -16.60
CA MET A 121 -7.66 -1.78 -16.56
C MET A 121 -8.19 -2.09 -17.97
N GLU A 122 -7.96 -1.18 -18.92
CA GLU A 122 -8.42 -1.48 -20.30
C GLU A 122 -7.74 -2.76 -20.80
N ALA A 123 -6.43 -2.88 -20.55
CA ALA A 123 -5.69 -4.09 -20.94
C ALA A 123 -6.23 -5.33 -20.24
N CYS A 124 -6.63 -5.20 -18.99
CA CYS A 124 -7.20 -6.35 -18.31
C CYS A 124 -8.53 -6.78 -18.91
N VAL A 125 -9.37 -5.83 -19.34
CA VAL A 125 -10.60 -6.21 -20.06
C VAL A 125 -10.24 -6.93 -21.37
N GLN A 126 -9.27 -6.38 -22.10
CA GLN A 126 -8.91 -7.00 -23.40
C GLN A 126 -8.28 -8.38 -23.25
N ALA A 127 -7.51 -8.60 -22.20
CA ALA A 127 -6.81 -9.85 -22.00
C ALA A 127 -7.63 -10.88 -21.22
N GLY A 128 -8.83 -10.55 -20.78
CA GLY A 128 -9.63 -11.50 -20.06
C GLY A 128 -9.17 -11.85 -18.65
N VAL A 129 -8.43 -10.96 -18.01
CA VAL A 129 -8.11 -11.13 -16.60
C VAL A 129 -9.41 -11.27 -15.80
N GLU A 130 -9.39 -12.15 -14.79
CA GLU A 130 -10.59 -12.39 -13.99
C GLU A 130 -10.70 -11.51 -12.75
N ARG A 131 -9.57 -11.15 -12.14
CA ARG A 131 -9.65 -10.46 -10.86
C ARG A 131 -8.51 -9.47 -10.80
N VAL A 132 -8.80 -8.23 -10.39
CA VAL A 132 -7.78 -7.21 -10.22
C VAL A 132 -7.93 -6.68 -8.80
N VAL A 133 -6.85 -6.77 -8.02
CA VAL A 133 -6.80 -6.23 -6.67
C VAL A 133 -5.97 -4.97 -6.73
N VAL A 134 -6.57 -3.84 -6.36
CA VAL A 134 -5.97 -2.52 -6.51
C VAL A 134 -5.58 -1.99 -5.15
N ALA A 135 -4.34 -1.51 -5.01
CA ALA A 135 -3.94 -0.87 -3.77
C ALA A 135 -4.53 0.53 -3.75
N SER A 136 -5.50 0.77 -2.87
CA SER A 136 -5.98 2.11 -2.61
C SER A 136 -5.40 2.53 -1.24
N SER A 137 -5.98 3.57 -0.65
CA SER A 137 -5.25 4.21 0.45
C SER A 137 -6.21 4.83 1.44
N SER A 138 -5.85 4.77 2.73
CA SER A 138 -6.64 5.48 3.74
C SER A 138 -6.73 6.96 3.49
N SER A 139 -5.82 7.54 2.68
CA SER A 139 -5.87 8.95 2.36
C SER A 139 -7.09 9.34 1.53
N VAL A 140 -7.85 8.36 1.01
CA VAL A 140 -9.13 8.75 0.39
C VAL A 140 -10.14 9.27 1.39
N TYR A 141 -9.98 8.93 2.68
CA TYR A 141 -10.95 9.40 3.67
C TYR A 141 -10.74 10.85 4.05
N GLY A 142 -9.51 11.35 3.96
CA GLY A 142 -9.28 12.71 4.42
C GLY A 142 -9.24 12.75 5.94
N GLY A 143 -9.64 13.90 6.45
CA GLY A 143 -9.39 14.21 7.85
C GLY A 143 -10.53 13.96 8.79
N ALA A 144 -10.78 12.69 9.06
CA ALA A 144 -11.83 12.24 9.98
C ALA A 144 -11.29 11.91 11.36
N ASP A 145 -12.06 12.24 12.39
CA ASP A 145 -11.79 11.76 13.75
C ASP A 145 -12.37 10.37 13.93
N GLY A 146 -11.67 9.54 14.70
CA GLY A 146 -12.24 8.24 14.95
C GLY A 146 -12.24 7.36 13.70
N VAL A 147 -13.22 6.48 13.63
CA VAL A 147 -13.12 5.28 12.79
C VAL A 147 -13.53 5.62 11.36
N MET A 148 -12.70 5.21 10.40
CA MET A 148 -12.95 5.44 8.96
C MET A 148 -13.56 4.18 8.37
N SER A 149 -14.84 4.25 7.94
CA SER A 149 -15.56 3.11 7.42
C SER A 149 -15.77 3.22 5.92
N GLU A 150 -15.84 2.07 5.29
CA GLU A 150 -15.99 2.02 3.83
C GLU A 150 -17.29 2.65 3.36
N ASP A 151 -18.25 2.89 4.25
CA ASP A 151 -19.42 3.63 3.79
C ASP A 151 -19.31 5.13 4.00
N ASP A 152 -18.17 5.65 4.46
CA ASP A 152 -18.02 7.10 4.64
C ASP A 152 -17.69 7.76 3.30
N LEU A 153 -18.21 8.97 3.11
CA LEU A 153 -17.89 9.70 1.85
C LEU A 153 -16.40 10.02 1.79
N PRO A 154 -15.71 9.69 0.70
CA PRO A 154 -14.30 10.10 0.58
C PRO A 154 -14.17 11.61 0.50
N ARG A 155 -13.21 12.14 1.24
CA ARG A 155 -12.99 13.59 1.31
C ARG A 155 -11.49 13.85 1.38
N PRO A 156 -10.72 13.37 0.38
CA PRO A 156 -9.25 13.48 0.50
C PRO A 156 -8.77 14.91 0.67
N LEU A 157 -7.73 15.07 1.47
CA LEU A 157 -7.16 16.38 1.75
C LEU A 157 -5.84 16.61 1.02
N SER A 158 -5.32 15.65 0.27
CA SER A 158 -4.12 15.84 -0.55
C SER A 158 -4.40 15.46 -1.99
N PRO A 159 -3.66 16.04 -2.94
CA PRO A 159 -3.79 15.55 -4.34
C PRO A 159 -3.47 14.07 -4.47
N TYR A 160 -2.53 13.53 -3.70
CA TYR A 160 -2.28 12.09 -3.68
C TYR A 160 -3.56 11.33 -3.36
N GLY A 161 -4.25 11.74 -2.29
CA GLY A 161 -5.49 11.04 -1.94
C GLY A 161 -6.51 11.10 -3.07
N VAL A 162 -6.58 12.23 -3.77
CA VAL A 162 -7.48 12.31 -4.94
C VAL A 162 -7.05 11.33 -6.02
N THR A 163 -5.75 11.18 -6.26
CA THR A 163 -5.35 10.24 -7.32
C THR A 163 -5.63 8.80 -6.93
N LYS A 164 -5.51 8.44 -5.65
CA LYS A 164 -5.81 7.07 -5.26
C LYS A 164 -7.32 6.82 -5.31
N LEU A 165 -8.12 7.81 -4.90
CA LEU A 165 -9.58 7.72 -5.10
C LEU A 165 -9.94 7.54 -6.56
N ALA A 166 -9.31 8.34 -7.45
CA ALA A 166 -9.61 8.20 -8.88
C ALA A 166 -9.19 6.83 -9.40
N ALA A 167 -8.03 6.31 -8.97
CA ALA A 167 -7.62 4.98 -9.41
C ALA A 167 -8.62 3.89 -8.98
N GLU A 168 -9.07 3.93 -7.71
CA GLU A 168 -9.99 2.88 -7.29
C GLU A 168 -11.36 3.05 -7.95
N ARG A 169 -11.85 4.29 -8.07
CA ARG A 169 -13.12 4.48 -8.76
C ARG A 169 -13.05 4.05 -10.20
N LEU A 170 -11.93 4.32 -10.87
CA LEU A 170 -11.77 3.87 -12.26
C LEU A 170 -11.78 2.38 -12.36
N ALA A 171 -11.06 1.70 -11.47
CA ALA A 171 -11.04 0.25 -11.51
C ALA A 171 -12.45 -0.31 -11.35
N LEU A 172 -13.23 0.27 -10.45
CA LEU A 172 -14.61 -0.19 -10.26
C LEU A 172 -15.48 0.12 -11.48
N ALA A 173 -15.25 1.24 -12.16
CA ALA A 173 -16.00 1.53 -13.40
C ALA A 173 -15.69 0.49 -14.47
N PHE A 174 -14.43 0.05 -14.58
CA PHE A 174 -14.14 -0.98 -15.58
C PHE A 174 -14.81 -2.29 -15.22
N ALA A 175 -14.81 -2.65 -13.93
CA ALA A 175 -15.46 -3.91 -13.54
C ALA A 175 -16.96 -3.88 -13.78
N ALA A 176 -17.56 -2.68 -13.75
CA ALA A 176 -18.99 -2.53 -13.98
C ALA A 176 -19.37 -2.56 -15.46
N ARG A 177 -18.41 -2.47 -16.39
CA ARG A 177 -18.76 -2.54 -17.81
C ARG A 177 -19.45 -3.86 -18.16
N GLY A 178 -20.42 -3.75 -19.07
CA GLY A 178 -21.14 -4.96 -19.44
C GLY A 178 -20.33 -5.98 -20.20
N ASP A 179 -19.21 -5.58 -20.79
CA ASP A 179 -18.34 -6.47 -21.52
C ASP A 179 -17.23 -7.04 -20.67
N ALA A 180 -17.14 -6.65 -19.39
CA ALA A 180 -16.04 -7.07 -18.53
C ALA A 180 -16.50 -8.30 -17.76
N GLU A 181 -15.62 -9.29 -17.71
CA GLU A 181 -15.82 -10.45 -16.87
C GLU A 181 -14.74 -10.37 -15.81
N LEU A 182 -14.78 -9.32 -15.03
CA LEU A 182 -13.76 -9.19 -14.00
C LEU A 182 -14.34 -8.56 -12.76
N SER A 183 -13.74 -8.91 -11.64
CA SER A 183 -14.10 -8.27 -10.39
C SER A 183 -12.88 -7.55 -9.85
N VAL A 184 -13.15 -6.48 -9.12
CA VAL A 184 -12.09 -5.65 -8.53
C VAL A 184 -12.20 -5.69 -7.02
N GLY A 185 -11.06 -5.91 -6.33
CA GLY A 185 -10.97 -5.74 -4.90
C GLY A 185 -10.14 -4.51 -4.67
N ALA A 186 -10.75 -3.45 -4.19
CA ALA A 186 -10.03 -2.19 -3.90
C ALA A 186 -9.70 -2.20 -2.41
N LEU A 187 -8.42 -2.32 -2.08
CA LEU A 187 -7.99 -2.45 -0.69
C LEU A 187 -7.41 -1.13 -0.25
N ARG A 188 -8.05 -0.50 0.74
CA ARG A 188 -7.57 0.78 1.29
C ARG A 188 -6.63 0.44 2.44
N PHE A 189 -5.34 0.41 2.14
CA PHE A 189 -4.36 0.12 3.19
C PHE A 189 -4.18 1.33 4.10
N PHE A 190 -3.80 1.06 5.35
CA PHE A 190 -3.48 2.07 6.36
C PHE A 190 -2.01 1.99 6.78
N THR A 191 -1.29 3.08 6.55
CA THR A 191 0.12 3.33 6.87
C THR A 191 0.94 2.10 7.19
N VAL A 192 1.50 1.51 6.16
CA VAL A 192 2.15 0.20 6.24
C VAL A 192 3.63 0.40 6.58
N TYR A 193 4.12 -0.51 7.43
CA TYR A 193 5.51 -0.44 7.89
C TYR A 193 6.01 -1.88 8.03
N GLY A 194 7.28 -2.00 8.44
CA GLY A 194 7.91 -3.28 8.60
C GLY A 194 9.24 -3.34 7.87
N PRO A 195 9.85 -4.53 7.88
CA PRO A 195 11.07 -4.77 7.09
C PRO A 195 10.89 -4.29 5.66
N GLY A 196 11.85 -3.52 5.18
CA GLY A 196 11.79 -3.02 3.81
C GLY A 196 10.99 -1.77 3.60
N GLN A 197 10.45 -1.17 4.67
CA GLN A 197 9.62 0.01 4.48
C GLN A 197 10.31 1.05 3.62
N ARG A 198 9.53 1.72 2.73
CA ARG A 198 10.10 2.79 1.92
C ARG A 198 10.81 3.81 2.79
N PRO A 199 11.96 4.33 2.35
CA PRO A 199 12.76 5.19 3.24
C PRO A 199 12.21 6.58 3.44
N ASP A 200 11.20 7.02 2.67
CA ASP A 200 10.59 8.31 2.92
C ASP A 200 9.52 8.29 4.02
N MET A 201 9.16 7.11 4.51
CA MET A 201 8.09 7.05 5.51
C MET A 201 8.64 7.33 6.90
N PHE A 202 7.73 7.67 7.82
CA PHE A 202 8.16 8.15 9.15
C PHE A 202 8.94 7.09 9.91
N ILE A 203 8.44 5.88 10.02
CA ILE A 203 9.12 4.90 10.88
C ILE A 203 10.53 4.61 10.36
N SER A 204 10.70 4.45 9.03
CA SER A 204 12.04 4.29 8.47
C SER A 204 12.94 5.47 8.84
N ARG A 205 12.45 6.70 8.65
CA ARG A 205 13.29 7.86 8.98
C ARG A 205 13.62 7.88 10.46
N LEU A 206 12.66 7.52 11.31
CA LEU A 206 12.89 7.60 12.76
C LEU A 206 13.90 6.54 13.17
N ILE A 207 13.85 5.38 12.55
CA ILE A 207 14.83 4.34 12.85
C ILE A 207 16.23 4.79 12.43
N ARG A 208 16.36 5.48 11.29
CA ARG A 208 17.69 6.01 10.94
C ARG A 208 18.11 7.09 11.91
N ALA A 209 17.17 7.86 12.42
CA ALA A 209 17.48 8.90 13.40
C ALA A 209 17.90 8.31 14.72
N THR A 210 17.62 7.03 14.92
CA THR A 210 17.93 6.37 16.21
C THR A 210 19.18 5.52 16.07
N LEU A 211 19.19 4.58 15.15
CA LEU A 211 20.34 3.70 14.94
C LEU A 211 21.53 4.45 14.36
N ARG A 212 21.31 5.48 13.54
CA ARG A 212 22.41 6.16 12.84
C ARG A 212 22.49 7.64 13.19
N GLY A 213 21.61 8.16 14.06
CA GLY A 213 21.60 9.56 14.43
C GLY A 213 21.40 10.52 13.28
N GLU A 214 20.67 10.10 12.22
CA GLU A 214 20.42 11.01 11.10
C GLU A 214 19.10 11.72 11.40
N PRO A 215 19.09 13.03 11.60
CA PRO A 215 17.94 13.67 12.23
C PRO A 215 16.69 13.54 11.38
N VAL A 216 15.57 13.35 12.06
CA VAL A 216 14.24 13.34 11.44
C VAL A 216 13.48 14.54 11.96
N GLU A 217 12.74 15.18 11.07
CA GLU A 217 11.90 16.29 11.44
C GLU A 217 10.54 15.72 11.77
N ILE A 218 9.97 16.16 12.88
CA ILE A 218 8.58 15.85 13.18
C ILE A 218 7.71 16.98 12.67
N TYR A 219 6.73 16.67 11.83
CA TYR A 219 5.95 17.68 11.12
C TYR A 219 4.72 18.02 11.93
N GLY A 220 4.82 19.07 12.74
CA GLY A 220 3.78 19.43 13.66
C GLY A 220 4.23 19.12 15.07
N ASP A 221 3.26 18.90 15.95
CA ASP A 221 3.60 18.67 17.35
C ASP A 221 3.71 17.20 17.71
N GLY A 222 3.57 16.29 16.74
CA GLY A 222 3.71 14.89 16.99
C GLY A 222 2.48 14.21 17.57
N THR A 223 1.41 14.98 17.84
CA THR A 223 0.21 14.36 18.39
C THR A 223 -0.68 13.71 17.32
N GLN A 224 -0.33 13.89 16.04
CA GLN A 224 -1.09 13.21 14.99
C GLN A 224 -0.98 11.71 15.16
N LEU A 225 -2.00 10.99 14.69
CA LEU A 225 -2.08 9.56 14.92
C LEU A 225 -2.20 8.81 13.59
N ARG A 226 -1.66 7.62 13.58
CA ARG A 226 -1.89 6.72 12.44
C ARG A 226 -2.24 5.33 12.91
N ASP A 227 -3.02 4.66 12.08
CA ASP A 227 -3.25 3.21 12.19
C ASP A 227 -2.12 2.56 11.41
N PHE A 228 -1.05 2.17 12.09
CA PHE A 228 0.14 1.58 11.46
C PHE A 228 -0.08 0.08 11.31
N THR A 229 0.01 -0.42 10.07
CA THR A 229 -0.31 -1.81 9.78
C THR A 229 0.95 -2.51 9.28
N HIS A 230 1.29 -3.65 9.87
CA HIS A 230 2.51 -4.32 9.48
C HIS A 230 2.35 -4.96 8.09
N VAL A 231 3.42 -4.90 7.29
CA VAL A 231 3.39 -5.43 5.91
C VAL A 231 3.03 -6.92 5.87
N SER A 232 3.38 -7.71 6.88
CA SER A 232 3.01 -9.14 6.82
C SER A 232 1.49 -9.30 6.81
N ASP A 233 0.78 -8.45 7.56
CA ASP A 233 -0.68 -8.51 7.56
C ASP A 233 -1.25 -8.02 6.24
N VAL A 234 -0.66 -6.97 5.68
CA VAL A 234 -1.12 -6.51 4.36
C VAL A 234 -0.94 -7.58 3.31
N VAL A 235 0.19 -8.29 3.32
CA VAL A 235 0.41 -9.35 2.33
C VAL A 235 -0.58 -10.50 2.54
N ARG A 236 -0.87 -10.82 3.81
CA ARG A 236 -1.88 -11.85 4.03
C ARG A 236 -3.25 -11.44 3.50
N ALA A 237 -3.66 -10.20 3.71
CA ALA A 237 -4.92 -9.73 3.14
C ALA A 237 -4.90 -9.79 1.63
N LEU A 238 -3.79 -9.37 1.00
CA LEU A 238 -3.65 -9.51 -0.45
C LEU A 238 -3.79 -10.97 -0.89
N MET A 239 -3.13 -11.90 -0.19
CA MET A 239 -3.23 -13.33 -0.56
C MET A 239 -4.68 -13.81 -0.45
N LEU A 240 -5.41 -13.32 0.57
CA LEU A 240 -6.81 -13.73 0.73
C LEU A 240 -7.67 -13.20 -0.41
N THR A 241 -7.43 -11.98 -0.85
CA THR A 241 -8.06 -11.56 -2.10
C THR A 241 -7.65 -12.38 -3.33
C THR A 241 -7.36 -12.40 -3.17
N ALA A 242 -6.52 -13.12 -3.31
N ALA A 242 -8.10 -12.78 -4.20
CA ALA A 242 -6.17 -13.94 -4.47
CA ALA A 242 -7.57 -13.70 -5.21
C ALA A 242 -6.90 -15.27 -4.48
C ALA A 242 -7.59 -15.17 -4.79
N SER A 243 -7.76 -15.50 -3.49
CA SER A 243 -8.16 -16.86 -3.16
C SER A 243 -9.64 -16.96 -2.80
N VAL A 244 -10.23 -15.86 -2.32
CA VAL A 244 -11.62 -15.93 -1.88
C VAL A 244 -12.50 -16.20 -3.09
N ARG A 245 -13.65 -16.83 -2.84
CA ARG A 245 -14.65 -17.02 -3.89
C ARG A 245 -15.07 -15.66 -4.44
N ASP A 246 -15.37 -15.63 -5.75
CA ASP A 246 -15.81 -14.40 -6.41
C ASP A 246 -17.24 -14.03 -5.99
N ARG A 247 -17.37 -12.87 -5.37
CA ARG A 247 -18.63 -12.26 -5.00
C ARG A 247 -18.70 -10.83 -5.53
N GLY A 248 -18.15 -10.62 -6.72
CA GLY A 248 -18.19 -9.32 -7.36
C GLY A 248 -17.12 -8.41 -6.76
N SER A 249 -17.30 -7.13 -6.95
CA SER A 249 -16.25 -6.19 -6.54
C SER A 249 -16.46 -5.75 -5.10
N ALA A 250 -15.39 -5.25 -4.48
CA ALA A 250 -15.47 -4.88 -3.08
C ALA A 250 -14.45 -3.79 -2.78
N VAL A 251 -14.78 -2.99 -1.77
CA VAL A 251 -13.88 -1.96 -1.25
C VAL A 251 -13.68 -2.30 0.23
N LEU A 252 -12.42 -2.50 0.64
CA LEU A 252 -12.15 -3.02 1.98
C LEU A 252 -10.98 -2.29 2.60
N ASN A 253 -11.16 -1.80 3.84
CA ASN A 253 -10.02 -1.29 4.61
C ASN A 253 -9.12 -2.43 5.06
N ILE A 254 -7.81 -2.21 4.99
CA ILE A 254 -6.81 -3.15 5.52
C ILE A 254 -6.00 -2.38 6.55
N GLY A 255 -6.30 -2.57 7.83
CA GLY A 255 -5.62 -1.86 8.90
C GLY A 255 -5.75 -2.64 10.18
N THR A 256 -5.39 -2.00 11.29
CA THR A 256 -5.49 -2.67 12.60
C THR A 256 -6.64 -2.19 13.45
N GLY A 257 -7.12 -0.97 13.22
CA GLY A 257 -8.14 -0.37 14.06
C GLY A 257 -7.61 0.31 15.30
N SER A 258 -6.29 0.32 15.49
CA SER A 258 -5.68 1.00 16.65
C SER A 258 -4.77 2.09 16.12
N ALA A 259 -4.91 3.30 16.62
CA ALA A 259 -4.07 4.39 16.17
C ALA A 259 -3.08 4.74 17.27
N VAL A 260 -1.89 5.14 16.85
CA VAL A 260 -0.79 5.52 17.76
C VAL A 260 -0.24 6.85 17.30
N SER A 261 0.17 7.71 18.25
CA SER A 261 0.67 9.01 17.84
C SER A 261 2.14 8.94 17.44
N VAL A 262 2.54 9.92 16.61
CA VAL A 262 3.94 10.05 16.22
C VAL A 262 4.84 10.12 17.46
N ASN A 263 4.45 10.95 18.44
CA ASN A 263 5.29 11.07 19.67
C ASN A 263 5.40 9.72 20.38
N GLU A 264 4.33 8.94 20.43
CA GLU A 264 4.40 7.62 21.05
C GLU A 264 5.33 6.67 20.28
N VAL A 265 5.33 6.73 18.93
CA VAL A 265 6.28 5.91 18.18
C VAL A 265 7.72 6.29 18.53
N VAL A 266 7.98 7.59 18.67
CA VAL A 266 9.32 8.04 19.06
C VAL A 266 9.69 7.44 20.41
N SER A 267 8.79 7.52 21.38
CA SER A 267 9.09 7.01 22.71
C SER A 267 9.34 5.52 22.68
N MET A 268 8.53 4.77 21.90
CA MET A 268 8.67 3.33 21.82
C MET A 268 10.02 2.96 21.21
N THR A 269 10.45 3.74 20.20
CA THR A 269 11.69 3.43 19.53
C THR A 269 12.88 3.67 20.47
N ALA A 270 12.82 4.76 21.23
CA ALA A 270 13.84 5.02 22.26
C ALA A 270 13.88 3.87 23.26
N GLU A 271 12.72 3.40 23.70
CA GLU A 271 12.68 2.32 24.69
C GLU A 271 13.29 1.04 24.13
N LEU A 272 12.89 0.65 22.90
CA LEU A 272 13.35 -0.60 22.35
C LEU A 272 14.85 -0.62 22.14
N THR A 273 15.45 0.54 21.81
CA THR A 273 16.85 0.58 21.39
C THR A 273 17.83 1.08 22.45
N GLY A 274 17.37 1.78 23.46
CA GLY A 274 18.35 2.43 24.38
C GLY A 274 19.21 3.46 23.70
N LEU A 275 18.70 4.13 22.65
CA LEU A 275 19.35 5.22 21.95
C LEU A 275 18.33 6.35 21.82
N ARG A 276 18.78 7.58 21.96
CA ARG A 276 17.86 8.72 21.87
C ARG A 276 17.63 9.08 20.40
N PRO A 277 16.40 8.98 19.89
CA PRO A 277 16.16 9.41 18.51
C PRO A 277 16.49 10.88 18.33
N CYS A 278 17.18 11.15 17.25
CA CYS A 278 17.55 12.52 16.86
C CYS A 278 16.39 13.18 16.14
N THR A 279 15.58 13.93 16.88
CA THR A 279 14.36 14.53 16.34
C THR A 279 14.42 16.06 16.43
N ALA A 280 13.72 16.73 15.53
CA ALA A 280 13.55 18.17 15.61
C ALA A 280 12.12 18.44 15.20
N TYR A 281 11.36 19.14 16.03
CA TYR A 281 9.99 19.49 15.66
C TYR A 281 9.97 20.66 14.70
N GLY A 282 9.15 20.54 13.67
CA GLY A 282 9.02 21.54 12.64
C GLY A 282 7.55 21.75 12.34
N SER A 283 7.28 22.45 11.23
CA SER A 283 5.92 22.89 10.92
C SER A 283 5.11 21.74 10.32
N ALA A 284 3.81 21.75 10.64
CA ALA A 284 2.93 20.75 10.04
C ALA A 284 2.90 20.95 8.53
N ARG A 285 2.67 19.85 7.82
N ARG A 285 2.69 19.85 7.81
CA ARG A 285 2.69 19.87 6.36
C ARG A 285 1.26 19.81 5.83
C ARG A 285 1.25 19.83 5.86
N ILE A 286 0.87 20.84 5.08
CA ILE A 286 -0.47 20.88 4.49
C ILE A 286 -0.71 19.62 3.64
N GLY A 287 -1.86 19.00 3.88
CA GLY A 287 -2.23 17.77 3.20
C GLY A 287 -2.15 16.55 4.11
N ASP A 288 -1.35 16.60 5.18
CA ASP A 288 -1.33 15.50 6.14
C ASP A 288 -2.59 15.53 6.99
N VAL A 289 -3.23 14.39 7.11
CA VAL A 289 -4.41 14.34 7.99
C VAL A 289 -3.97 14.15 9.43
N ARG A 290 -4.82 14.56 10.35
CA ARG A 290 -4.44 14.52 11.76
C ARG A 290 -4.50 13.12 12.34
N SER A 291 -5.39 12.25 11.88
CA SER A 291 -5.55 10.94 12.47
C SER A 291 -6.12 9.99 11.42
N THR A 292 -5.66 8.76 11.42
CA THR A 292 -6.36 7.69 10.71
C THR A 292 -6.65 6.56 11.69
N THR A 293 -7.79 5.88 11.50
CA THR A 293 -8.14 4.67 12.24
C THR A 293 -9.04 3.86 11.33
N ALA A 294 -8.67 2.64 11.00
CA ALA A 294 -9.53 1.84 10.11
C ALA A 294 -10.69 1.20 10.87
N ASP A 295 -11.85 1.20 10.23
CA ASP A 295 -12.87 0.22 10.59
C ASP A 295 -12.48 -1.08 9.94
N VAL A 296 -12.27 -2.13 10.76
CA VAL A 296 -11.70 -3.38 10.30
C VAL A 296 -12.75 -4.46 10.02
N ARG A 297 -14.05 -4.13 10.17
CA ARG A 297 -15.08 -5.18 10.16
C ARG A 297 -15.28 -5.79 8.79
N GLN A 298 -15.34 -4.98 7.71
CA GLN A 298 -15.69 -5.57 6.42
C GLN A 298 -14.65 -6.54 5.93
N ALA A 299 -13.35 -6.23 6.12
CA ALA A 299 -12.35 -7.20 5.69
C ALA A 299 -12.43 -8.48 6.51
N GLN A 300 -12.81 -8.37 7.78
CA GLN A 300 -13.01 -9.57 8.61
C GLN A 300 -14.14 -10.42 8.04
N SER A 301 -15.26 -9.78 7.68
CA SER A 301 -16.42 -10.49 7.12
C SER A 301 -16.10 -11.10 5.75
N VAL A 302 -15.54 -10.31 4.85
CA VAL A 302 -15.41 -10.72 3.46
C VAL A 302 -14.23 -11.65 3.26
N LEU A 303 -13.09 -11.36 3.89
CA LEU A 303 -11.89 -12.14 3.65
C LEU A 303 -11.53 -13.06 4.80
N GLY A 304 -12.11 -12.87 5.98
CA GLY A 304 -11.62 -13.58 7.14
C GLY A 304 -10.34 -12.98 7.64
N PHE A 305 -10.09 -11.70 7.32
CA PHE A 305 -8.83 -11.05 7.65
C PHE A 305 -8.97 -10.20 8.91
N THR A 306 -8.09 -10.46 9.88
CA THR A 306 -7.83 -9.58 11.02
C THR A 306 -6.32 -9.44 11.17
N ALA A 307 -5.84 -8.21 11.34
CA ALA A 307 -4.39 -8.03 11.50
C ALA A 307 -3.92 -8.68 12.78
N ARG A 308 -2.73 -9.29 12.71
CA ARG A 308 -2.17 -10.02 13.84
C ARG A 308 -1.06 -9.30 14.56
N THR A 309 -0.39 -8.35 13.90
CA THR A 309 0.81 -7.73 14.46
C THR A 309 0.50 -6.35 15.00
N GLY A 310 0.70 -6.16 16.33
CA GLY A 310 0.60 -4.84 16.89
C GLY A 310 1.91 -4.06 16.76
N LEU A 311 1.82 -2.77 17.04
CA LEU A 311 2.94 -1.87 16.76
C LEU A 311 4.20 -2.24 17.56
N ARG A 312 4.10 -2.59 18.84
CA ARG A 312 5.37 -2.81 19.54
C ARG A 312 6.15 -3.99 18.98
N GLU A 313 5.45 -5.10 18.70
CA GLU A 313 6.10 -6.22 18.05
C GLU A 313 6.59 -5.84 16.66
N GLY A 314 5.73 -5.17 15.90
CA GLY A 314 6.14 -4.85 14.54
C GLY A 314 7.30 -3.88 14.45
N LEU A 315 7.31 -2.87 15.32
CA LEU A 315 8.41 -1.93 15.34
C LEU A 315 9.71 -2.65 15.63
N ALA A 316 9.68 -3.61 16.59
CA ALA A 316 10.90 -4.40 16.81
C ALA A 316 11.34 -5.14 15.55
N THR A 317 10.39 -5.70 14.78
CA THR A 317 10.82 -6.39 13.55
C THR A 317 11.53 -5.44 12.59
N GLN A 318 11.03 -4.20 12.48
CA GLN A 318 11.62 -3.27 11.53
C GLN A 318 12.99 -2.80 12.02
N ILE A 319 13.12 -2.56 13.32
CA ILE A 319 14.42 -2.16 13.86
C ILE A 319 15.45 -3.24 13.63
N GLU A 320 15.09 -4.49 13.96
CA GLU A 320 16.03 -5.60 13.78
C GLU A 320 16.43 -5.76 12.32
N TRP A 321 15.44 -5.74 11.40
CA TRP A 321 15.77 -5.80 9.98
C TRP A 321 16.70 -4.66 9.57
N THR A 322 16.45 -3.44 10.07
CA THR A 322 17.27 -2.31 9.64
C THR A 322 18.71 -2.48 10.14
N ARG A 323 18.88 -2.92 11.38
CA ARG A 323 20.23 -3.19 11.89
C ARG A 323 20.97 -4.11 10.97
N ARG A 324 20.34 -5.25 10.67
CA ARG A 324 21.01 -6.22 9.81
C ARG A 324 21.26 -5.66 8.42
N SER A 325 20.39 -4.76 7.96
CA SER A 325 20.52 -4.13 6.65
C SER A 325 21.65 -3.10 6.60
N LEU A 326 22.06 -2.55 7.73
CA LEU A 326 23.16 -1.59 7.78
C LEU A 326 24.50 -2.29 8.00
PA NAD B . 6.60 1.84 -3.50
O1A NAD B . 7.58 1.12 -2.64
O2A NAD B . 6.92 3.18 -4.03
O5B NAD B . 6.22 0.80 -4.70
C5B NAD B . 5.56 1.29 -5.82
C4B NAD B . 6.32 0.74 -7.04
O4B NAD B . 5.65 1.21 -8.16
C3B NAD B . 7.79 1.25 -7.15
O3B NAD B . 8.68 0.18 -7.11
C2B NAD B . 7.72 2.03 -8.50
O2B NAD B . 9.03 1.92 -9.16
C1B NAD B . 6.69 1.48 -9.25
N9A NAD B . 6.05 2.35 -10.22
C8A NAD B . 5.54 3.56 -10.00
N7A NAD B . 5.07 4.08 -11.13
C5A NAD B . 5.26 3.12 -12.08
C6A NAD B . 4.99 3.09 -13.44
N6A NAD B . 4.40 4.18 -14.15
N1A NAD B . 5.29 1.99 -14.11
C2A NAD B . 5.91 0.94 -13.55
N3A NAD B . 6.23 0.96 -12.21
C4A NAD B . 5.87 2.05 -11.53
O3 NAD B . 5.21 2.01 -2.64
PN NAD B . 4.56 1.01 -1.56
O1N NAD B . 4.73 1.68 -0.25
O2N NAD B . 5.03 -0.36 -1.72
O5D NAD B . 2.99 1.14 -1.92
C5D NAD B . 2.45 0.18 -2.83
C4D NAD B . 1.04 0.63 -3.13
O4D NAD B . 0.29 0.66 -1.95
C3D NAD B . 0.91 2.08 -3.76
O3D NAD B . -0.18 1.96 -4.76
C2D NAD B . 0.57 2.86 -2.72
O2D NAD B . -0.21 4.02 -3.12
C1D NAD B . -0.33 1.95 -1.78
N1N NAD B . -0.38 2.23 -0.42
C2N NAD B . 0.77 2.22 0.35
C3N NAD B . 0.64 2.44 1.71
C7N NAD B . 1.86 2.50 2.58
O7N NAD B . 1.83 2.90 3.72
N7N NAD B . 3.12 2.14 2.03
C4N NAD B . -0.60 2.66 2.33
C5N NAD B . -1.73 2.76 1.50
C6N NAD B . -1.60 2.49 0.15
C1' UGA C . 1.47 6.70 4.33
C2' UGA C . 2.08 6.21 3.03
O2' UGA C . 3.27 7.00 2.93
C3' UGA C . 1.22 6.48 1.88
O3' UGA C . 1.89 5.85 0.75
C4' UGA C . -0.07 5.79 2.17
O4' UGA C . -0.95 5.94 1.05
C5' UGA C . -0.72 6.42 3.41
O5' UGA C . 0.16 6.06 4.51
C6' UGA C . -2.03 5.72 3.71
O'P UGA C . -2.83 5.53 2.78
O'Q UGA C . -2.31 5.31 4.87
PB UGA C . 1.64 8.95 5.65
O1B UGA C . 0.54 8.87 6.64
O2B UGA C . 2.00 10.31 5.16
O3B UGA C . 1.34 8.05 4.33
O3A UGA C . 2.90 8.12 6.24
PA UGA C . 4.35 8.65 6.80
O1A UGA C . 5.08 9.34 5.71
O2A UGA C . 4.94 7.45 7.37
O5D UGA C . 3.93 9.79 7.85
C5D UGA C . 3.26 9.33 9.03
C4D UGA C . 3.19 10.52 10.03
O4D UGA C . 4.50 10.95 10.34
C3D UGA C . 2.49 11.75 9.45
O3D UGA C . 1.65 12.30 10.43
C2D UGA C . 3.65 12.70 9.10
O2D UGA C . 3.27 14.09 9.26
C1D UGA C . 4.66 12.44 10.01
N1 UGA C . 6.04 12.55 9.48
C6 UGA C . 6.41 11.91 8.36
C2 UGA C . 6.96 13.28 10.18
O2 UGA C . 6.63 13.85 11.17
N3 UGA C . 8.21 13.37 9.67
C4 UGA C . 8.62 12.75 8.55
O4 UGA C . 9.77 12.86 8.14
C5 UGA C . 7.68 12.00 7.83
#